data_8HWR
#
_entry.id   8HWR
#
_cell.length_a   77.337
_cell.length_b   84.045
_cell.length_c   63.057
_cell.angle_alpha   90.00
_cell.angle_beta   100.54
_cell.angle_gamma   90.00
#
_symmetry.space_group_name_H-M   'C 1 2 1'
#
loop_
_entity.id
_entity.type
_entity.pdbx_description
1 polymer '4-hydroxyphenylpyruvate dioxygenase'
2 non-polymer 'COBALT (II) ION'
3 non-polymer 6-chloranyl-3-cyclopentyl-1-methyl-7-(2-oxidanyl-6-oxidanylidene-cyclohexa-1,3-dien-1-yl)carbonyl-quinazoline-2,4-dione
4 water water
#
_entity_poly.entity_id   1
_entity_poly.type   'polypeptide(L)'
_entity_poly.pdbx_seq_one_letter_code
;GSHMVRKNPKSDKFKVKRFHHIEFWCGDATNVARRFSWGLGMRFSAKSDLSTGNMVHASYLLTSGDLRFLFTAPYSPSLS
AGEIKPTTTASIPSFDHGSCRSFFSSHGLGVRAVAIEVEDAESAFSISVANGAIPSSPPIVLNEAVTIAEVKLYGDVVLR
YVSYKAEDTEKSEFLPGFERVEDASSFPLDYGIRRLDHAVGNVPELGPALTYVAGFTGFHQFAEFTADDVGTAESGLNSA
VLASNDEMVLLPINEPVHGTKRKSQIQTYLEHNEGAGLQHLALMSEDIFRTLREMRKRSSIGGFDFMPSPPPTYYQNLKK
RVGDVLSDDQIKECEELGILVDRDDQGTLLQIFTKPLGDRPTIFIEIIQRVGCMMKDEEGKAYQSGGCGGFGKGNFSELF
KSIEEYEKTLEAKQLVG
;
_entity_poly.pdbx_strand_id   A
#
loop_
_chem_comp.id
_chem_comp.type
_chem_comp.name
_chem_comp.formula
CO non-polymer 'COBALT (II) ION' 'Co 2'
NN0 non-polymer 6-chloranyl-3-cyclopentyl-1-methyl-7-(2-oxidanyl-6-oxidanylidene-cyclohexa-1,3-dien-1-yl)carbonyl-quinazoline-2,4-dione 'C21 H19 Cl N2 O5'
#
# COMPACT_ATOMS: atom_id res chain seq x y z
N LYS A 7 -2.89 -19.77 -14.86
CA LYS A 7 -4.33 -19.82 -15.10
C LYS A 7 -5.05 -18.75 -14.28
N ASN A 8 -6.14 -18.23 -14.84
CA ASN A 8 -6.91 -17.15 -14.22
C ASN A 8 -8.38 -17.50 -14.27
N PRO A 9 -8.93 -18.08 -13.19
CA PRO A 9 -10.37 -18.42 -13.19
C PRO A 9 -11.30 -17.23 -13.33
N LYS A 10 -10.85 -16.02 -13.05
CA LYS A 10 -11.69 -14.82 -13.07
C LYS A 10 -12.97 -15.03 -12.25
N SER A 11 -12.78 -15.35 -10.98
CA SER A 11 -13.88 -15.77 -10.11
C SER A 11 -14.30 -14.68 -9.13
N ASP A 12 -13.93 -13.42 -9.38
CA ASP A 12 -14.42 -12.31 -8.57
C ASP A 12 -15.92 -12.44 -8.35
N LYS A 13 -16.34 -12.42 -7.08
CA LYS A 13 -17.75 -12.50 -6.72
C LYS A 13 -18.48 -11.17 -6.88
N PHE A 14 -17.78 -10.11 -7.27
CA PHE A 14 -18.40 -8.82 -7.56
C PHE A 14 -17.42 -8.02 -8.40
N LYS A 15 -17.92 -6.96 -9.02
CA LYS A 15 -17.13 -6.23 -10.01
C LYS A 15 -16.17 -5.27 -9.29
N VAL A 16 -14.87 -5.53 -9.43
CA VAL A 16 -13.81 -4.76 -8.80
C VAL A 16 -13.10 -3.95 -9.87
N LYS A 17 -12.90 -2.66 -9.61
CA LYS A 17 -12.24 -1.81 -10.59
C LYS A 17 -10.75 -1.67 -10.29
N ARG A 18 -10.34 -0.64 -9.55
CA ARG A 18 -8.92 -0.48 -9.22
C ARG A 18 -8.76 -0.10 -7.75
N PHE A 19 -7.50 -0.13 -7.32
CA PHE A 19 -7.13 0.53 -6.08
C PHE A 19 -7.60 1.97 -6.12
N HIS A 20 -8.26 2.41 -5.03
CA HIS A 20 -8.79 3.77 -4.96
C HIS A 20 -8.03 4.68 -4.01
N HIS A 21 -7.68 4.22 -2.81
CA HIS A 21 -6.86 5.04 -1.91
C HIS A 21 -6.40 4.18 -0.75
N ILE A 22 -5.36 4.68 -0.06
CA ILE A 22 -4.85 4.07 1.17
C ILE A 22 -5.04 5.09 2.28
N GLU A 23 -5.58 4.65 3.43
CA GLU A 23 -5.80 5.55 4.56
C GLU A 23 -4.94 5.13 5.74
N PHE A 24 -4.10 6.06 6.19
CA PHE A 24 -3.29 5.92 7.38
C PHE A 24 -4.05 6.48 8.57
N TRP A 25 -4.04 5.74 9.68
CA TRP A 25 -4.57 6.27 10.94
C TRP A 25 -3.40 6.77 11.77
N CYS A 26 -3.46 8.03 12.17
CA CYS A 26 -2.34 8.75 12.81
C CYS A 26 -2.82 9.37 14.11
N GLY A 27 -1.87 9.91 14.86
CA GLY A 27 -2.21 10.76 15.98
C GLY A 27 -2.22 12.23 15.61
N ASP A 28 -1.33 12.63 14.71
CA ASP A 28 -1.40 13.94 14.11
C ASP A 28 -1.32 13.77 12.60
N ALA A 29 -2.42 14.08 11.90
CA ALA A 29 -2.43 13.84 10.46
C ALA A 29 -1.61 14.89 9.72
N THR A 30 -1.63 16.14 10.21
CA THR A 30 -0.88 17.22 9.59
C THR A 30 0.59 16.87 9.39
N ASN A 31 1.24 16.38 10.44
CA ASN A 31 2.69 16.23 10.39
C ASN A 31 3.11 15.03 9.56
N VAL A 32 2.40 13.91 9.69
CA VAL A 32 2.65 12.77 8.82
C VAL A 32 2.41 13.14 7.35
N ALA A 33 1.35 13.88 7.08
CA ALA A 33 1.01 14.18 5.70
C ALA A 33 2.06 15.10 5.08
N ARG A 34 2.51 16.10 5.84
CA ARG A 34 3.52 17.01 5.31
C ARG A 34 4.86 16.30 5.11
N ARG A 35 5.23 15.41 6.03
CA ARG A 35 6.43 14.60 5.83
C ARG A 35 6.30 13.74 4.58
N PHE A 36 5.18 13.03 4.45
CA PHE A 36 4.99 12.13 3.31
C PHE A 36 4.99 12.90 2.00
N SER A 37 4.44 14.12 2.02
CA SER A 37 4.31 14.91 0.81
C SER A 37 5.68 15.28 0.27
N TRP A 38 6.54 15.87 1.13
CA TRP A 38 7.92 16.15 0.78
C TRP A 38 8.67 14.87 0.42
N GLY A 39 8.46 13.80 1.19
CA GLY A 39 9.26 12.60 1.02
C GLY A 39 8.98 11.85 -0.28
N LEU A 40 7.72 11.84 -0.71
CA LEU A 40 7.31 11.05 -1.86
C LEU A 40 6.93 11.92 -3.05
N GLY A 41 6.83 13.23 -2.89
CA GLY A 41 6.47 14.10 -4.00
C GLY A 41 5.02 13.94 -4.35
N MET A 42 4.16 14.07 -3.35
CA MET A 42 2.73 13.99 -3.51
C MET A 42 2.11 15.32 -3.15
N ARG A 43 1.15 15.74 -3.94
CA ARG A 43 0.51 17.04 -3.77
C ARG A 43 -0.59 16.95 -2.72
N PHE A 44 -0.82 18.05 -2.01
CA PHE A 44 -2.01 18.21 -1.17
C PHE A 44 -3.20 18.51 -2.06
N SER A 45 -4.21 17.64 -2.09
CA SER A 45 -5.30 17.91 -3.01
C SER A 45 -6.68 18.01 -2.36
N ALA A 46 -6.90 17.46 -1.17
CA ALA A 46 -8.19 17.67 -0.53
C ALA A 46 -8.08 17.56 0.99
N LYS A 47 -8.95 18.29 1.69
CA LYS A 47 -9.00 18.25 3.15
C LYS A 47 -10.43 18.07 3.61
N SER A 48 -10.55 17.45 4.79
CA SER A 48 -11.78 17.45 5.57
C SER A 48 -11.34 17.59 7.03
N ASP A 49 -11.69 18.70 7.66
CA ASP A 49 -11.20 19.03 9.00
C ASP A 49 -12.06 20.15 9.57
N LEU A 50 -11.58 20.79 10.63
CA LEU A 50 -12.33 21.88 11.24
C LEU A 50 -12.73 22.93 10.21
N SER A 51 -11.81 23.28 9.31
CA SER A 51 -12.09 24.33 8.36
C SER A 51 -13.19 23.95 7.37
N THR A 52 -13.49 22.65 7.25
CA THR A 52 -14.60 22.21 6.41
C THR A 52 -15.80 21.75 7.23
N GLY A 53 -15.84 22.06 8.52
CA GLY A 53 -16.95 21.69 9.38
C GLY A 53 -16.86 20.32 10.02
N ASN A 54 -15.78 19.58 9.81
CA ASN A 54 -15.61 18.26 10.43
C ASN A 54 -15.09 18.44 11.84
N MET A 55 -15.96 18.18 12.84
CA MET A 55 -15.61 18.29 14.25
C MET A 55 -15.12 16.98 14.83
N VAL A 56 -14.97 15.97 13.98
CA VAL A 56 -14.69 14.61 14.40
C VAL A 56 -13.26 14.21 14.09
N HIS A 57 -12.88 14.27 12.81
CA HIS A 57 -11.55 13.87 12.42
C HIS A 57 -10.94 14.88 11.45
N ALA A 58 -9.63 14.97 11.50
CA ALA A 58 -8.84 15.69 10.52
C ALA A 58 -8.34 14.69 9.50
N SER A 59 -8.61 14.96 8.21
CA SER A 59 -8.24 14.06 7.12
C SER A 59 -7.63 14.85 5.98
N TYR A 60 -6.42 14.47 5.56
CA TYR A 60 -5.73 15.16 4.49
C TYR A 60 -5.32 14.16 3.42
N LEU A 61 -5.67 14.45 2.18
CA LEU A 61 -5.41 13.57 1.06
C LEU A 61 -4.20 14.08 0.26
N LEU A 62 -3.26 13.18 0.01
CA LEU A 62 -2.13 13.41 -0.88
C LEU A 62 -2.33 12.57 -2.14
N THR A 63 -1.93 13.13 -3.28
CA THR A 63 -2.12 12.48 -4.58
C THR A 63 -0.86 12.58 -5.42
N SER A 64 -0.52 11.49 -6.10
CA SER A 64 0.51 11.51 -7.15
C SER A 64 0.08 10.54 -8.23
N GLY A 65 -0.26 11.06 -9.42
CA GLY A 65 -0.88 10.21 -10.43
C GLY A 65 -2.26 9.77 -9.96
N ASP A 66 -2.52 8.46 -10.03
CA ASP A 66 -3.74 7.90 -9.44
C ASP A 66 -3.54 7.46 -8.00
N LEU A 67 -2.35 7.63 -7.43
CA LEU A 67 -2.11 7.21 -6.07
C LEU A 67 -2.73 8.21 -5.12
N ARG A 68 -3.52 7.72 -4.16
CA ARG A 68 -4.15 8.58 -3.17
C ARG A 68 -3.81 8.05 -1.78
N PHE A 69 -3.05 8.84 -1.02
CA PHE A 69 -2.73 8.58 0.37
C PHE A 69 -3.57 9.50 1.26
N LEU A 70 -4.41 8.89 2.10
CA LEU A 70 -5.26 9.61 3.05
C LEU A 70 -4.71 9.45 4.48
N PHE A 71 -4.64 10.56 5.22
CA PHE A 71 -4.07 10.59 6.56
C PHE A 71 -5.11 11.16 7.50
N THR A 72 -5.49 10.39 8.52
CA THR A 72 -6.60 10.78 9.40
C THR A 72 -6.20 10.62 10.87
N ALA A 73 -6.60 11.58 11.69
CA ALA A 73 -6.37 11.55 13.13
C ALA A 73 -7.62 12.06 13.83
N PRO A 74 -7.87 11.62 15.06
CA PRO A 74 -9.06 12.10 15.79
C PRO A 74 -8.83 13.44 16.48
N TYR A 75 -9.84 14.29 16.44
CA TYR A 75 -9.90 15.45 17.33
C TYR A 75 -10.34 15.00 18.72
N SER A 76 -10.36 15.93 19.66
CA SER A 76 -10.96 15.63 20.96
C SER A 76 -12.41 15.24 20.80
N PRO A 77 -12.87 14.15 21.43
CA PRO A 77 -14.29 13.80 21.35
C PRO A 77 -15.22 14.92 21.80
N SER A 78 -14.75 15.83 22.67
CA SER A 78 -15.60 16.89 23.20
C SER A 78 -16.10 17.84 22.13
N LEU A 79 -15.43 17.91 20.98
CA LEU A 79 -15.90 18.80 19.92
C LEU A 79 -17.21 18.30 19.30
N SER A 80 -17.42 16.98 19.30
CA SER A 80 -18.57 16.38 18.64
C SER A 80 -19.45 15.61 19.62
N ALA A 81 -19.31 15.89 20.92
CA ALA A 81 -20.00 15.13 21.93
C ALA A 81 -21.52 15.26 21.84
N GLY A 82 -22.01 16.35 21.25
CA GLY A 82 -23.43 16.56 21.11
C GLY A 82 -24.03 15.99 19.85
N GLU A 83 -23.22 15.31 19.05
CA GLU A 83 -23.63 14.72 17.79
C GLU A 83 -24.03 13.26 17.99
N ILE A 84 -24.85 12.78 17.06
CA ILE A 84 -25.13 11.36 16.94
C ILE A 84 -24.86 10.98 15.49
N LYS A 85 -24.80 9.68 15.24
CA LYS A 85 -24.48 9.21 13.88
C LYS A 85 -25.35 9.86 12.81
N PRO A 86 -26.68 9.97 12.96
CA PRO A 86 -27.45 10.72 11.96
C PRO A 86 -27.03 12.17 11.79
N THR A 87 -26.50 12.81 12.84
CA THR A 87 -26.16 14.23 12.79
C THR A 87 -24.66 14.48 12.66
N THR A 88 -23.87 13.46 12.34
CA THR A 88 -22.43 13.55 12.46
C THR A 88 -21.87 14.58 11.49
N THR A 89 -20.73 15.17 11.87
CA THR A 89 -19.98 16.03 10.98
C THR A 89 -18.80 15.30 10.34
N ALA A 90 -18.58 14.03 10.70
CA ALA A 90 -17.51 13.26 10.08
C ALA A 90 -17.80 12.99 8.62
N SER A 91 -16.83 13.30 7.76
CA SER A 91 -16.99 12.99 6.35
C SER A 91 -16.80 11.52 6.06
N ILE A 92 -16.09 10.80 6.92
CA ILE A 92 -15.97 9.34 6.76
C ILE A 92 -16.78 8.68 7.87
N PRO A 93 -17.98 8.18 7.54
CA PRO A 93 -18.90 7.72 8.60
C PRO A 93 -18.40 6.51 9.35
N SER A 94 -17.46 5.74 8.80
CA SER A 94 -16.91 4.60 9.53
C SER A 94 -15.94 5.02 10.64
N PHE A 95 -15.57 6.30 10.71
CA PHE A 95 -14.58 6.72 11.69
C PHE A 95 -15.12 6.62 13.11
N ASP A 96 -14.25 6.24 14.03
CA ASP A 96 -14.63 6.12 15.42
C ASP A 96 -13.45 6.53 16.27
N HIS A 97 -13.64 7.53 17.14
CA HIS A 97 -12.58 7.99 18.04
C HIS A 97 -11.91 6.81 18.74
N GLY A 98 -12.71 5.93 19.35
CA GLY A 98 -12.14 4.84 20.13
C GLY A 98 -11.35 3.85 19.28
N SER A 99 -11.93 3.40 18.18
CA SER A 99 -11.19 2.53 17.25
C SER A 99 -9.88 3.17 16.77
N CYS A 100 -9.90 4.45 16.41
CA CYS A 100 -8.69 5.08 15.89
C CYS A 100 -7.62 5.20 16.98
N ARG A 101 -7.97 5.67 18.17
CA ARG A 101 -7.00 5.76 19.25
C ARG A 101 -6.45 4.38 19.61
N SER A 102 -7.33 3.38 19.71
CA SER A 102 -6.87 2.03 20.02
C SER A 102 -5.95 1.51 18.92
N PHE A 103 -6.33 1.72 17.65
CA PHE A 103 -5.47 1.32 16.54
C PHE A 103 -4.08 1.93 16.68
N PHE A 104 -4.01 3.24 16.88
CA PHE A 104 -2.70 3.90 16.83
C PHE A 104 -1.86 3.60 18.07
N SER A 105 -2.49 3.49 19.24
CA SER A 105 -1.71 3.14 20.42
C SER A 105 -1.24 1.68 20.38
N SER A 106 -2.00 0.82 19.69
CA SER A 106 -1.63 -0.59 19.57
C SER A 106 -0.57 -0.83 18.50
N HIS A 107 -0.72 -0.19 17.33
CA HIS A 107 0.14 -0.42 16.18
C HIS A 107 1.12 0.71 15.89
N GLY A 108 0.93 1.89 16.47
CA GLY A 108 1.63 3.05 15.96
C GLY A 108 1.10 3.39 14.55
N LEU A 109 1.87 4.24 13.87
CA LEU A 109 1.44 4.71 12.56
C LEU A 109 1.31 3.55 11.59
N GLY A 110 0.19 3.50 10.87
CA GLY A 110 0.04 2.45 9.90
C GLY A 110 -1.24 2.60 9.11
N VAL A 111 -1.42 1.68 8.18
CA VAL A 111 -2.56 1.67 7.27
C VAL A 111 -3.79 1.10 7.98
N ARG A 112 -4.86 1.88 8.03
CA ARG A 112 -6.14 1.34 8.50
C ARG A 112 -7.00 0.76 7.37
N ALA A 113 -7.00 1.36 6.18
CA ALA A 113 -7.89 0.89 5.11
C ALA A 113 -7.12 0.73 3.81
N VAL A 114 -7.31 -0.42 3.17
CA VAL A 114 -7.01 -0.59 1.74
C VAL A 114 -8.32 -0.46 1.00
N ALA A 115 -8.48 0.61 0.24
CA ALA A 115 -9.75 0.90 -0.43
C ALA A 115 -9.66 0.56 -1.91
N ILE A 116 -10.66 -0.18 -2.39
CA ILE A 116 -10.78 -0.51 -3.81
C ILE A 116 -12.09 0.05 -4.34
N GLU A 117 -12.05 0.61 -5.53
CA GLU A 117 -13.29 1.04 -6.17
C GLU A 117 -13.98 -0.18 -6.75
N VAL A 118 -15.31 -0.20 -6.66
CA VAL A 118 -16.13 -1.29 -7.14
C VAL A 118 -17.36 -0.71 -7.82
N GLU A 119 -18.08 -1.55 -8.56
CA GLU A 119 -19.25 -1.07 -9.26
C GLU A 119 -20.34 -0.64 -8.29
N ASP A 120 -20.57 -1.45 -7.26
CA ASP A 120 -21.67 -1.24 -6.32
C ASP A 120 -21.16 -1.69 -4.96
N ALA A 121 -20.87 -0.73 -4.07
CA ALA A 121 -20.29 -1.04 -2.76
C ALA A 121 -21.28 -1.76 -1.84
N GLU A 122 -22.57 -1.45 -1.93
CA GLU A 122 -23.56 -2.15 -1.11
C GLU A 122 -23.62 -3.63 -1.48
N SER A 123 -23.73 -3.92 -2.78
CA SER A 123 -23.64 -5.30 -3.24
C SER A 123 -22.34 -5.94 -2.82
N ALA A 124 -21.21 -5.29 -3.12
CA ALA A 124 -19.91 -5.86 -2.76
C ALA A 124 -19.84 -6.21 -1.28
N PHE A 125 -20.43 -5.37 -0.42
CA PHE A 125 -20.50 -5.67 1.01
C PHE A 125 -21.42 -6.87 1.28
N SER A 126 -22.59 -6.89 0.65
CA SER A 126 -23.54 -7.96 0.95
C SER A 126 -22.98 -9.32 0.54
N ILE A 127 -22.57 -9.44 -0.72
CA ILE A 127 -21.94 -10.65 -1.23
C ILE A 127 -20.74 -11.05 -0.37
N SER A 128 -19.89 -10.06 -0.02
CA SER A 128 -18.73 -10.36 0.83
C SER A 128 -19.17 -10.96 2.16
N VAL A 129 -20.04 -10.26 2.89
CA VAL A 129 -20.49 -10.78 4.17
C VAL A 129 -21.23 -12.11 3.99
N ALA A 130 -22.04 -12.22 2.92
CA ALA A 130 -22.64 -13.50 2.60
C ALA A 130 -21.60 -14.60 2.47
N ASN A 131 -20.38 -14.24 2.07
CA ASN A 131 -19.36 -15.23 1.76
C ASN A 131 -18.22 -15.27 2.78
N GLY A 132 -18.52 -14.93 4.03
CA GLY A 132 -17.60 -15.13 5.14
C GLY A 132 -16.94 -13.88 5.68
N ALA A 133 -17.12 -12.73 5.02
CA ALA A 133 -16.44 -11.51 5.46
C ALA A 133 -16.98 -11.07 6.81
N ILE A 134 -16.07 -10.67 7.70
CA ILE A 134 -16.46 -10.08 8.97
C ILE A 134 -16.80 -8.63 8.72
N PRO A 135 -18.04 -8.21 8.93
CA PRO A 135 -18.41 -6.82 8.62
C PRO A 135 -17.71 -5.85 9.55
N SER A 136 -17.45 -4.65 9.03
CA SER A 136 -16.74 -3.66 9.84
C SER A 136 -17.50 -2.34 9.87
N SER A 137 -17.97 -1.87 8.71
CA SER A 137 -18.86 -0.74 8.71
C SER A 137 -19.86 -0.97 7.58
N PRO A 138 -21.15 -0.92 7.85
CA PRO A 138 -22.16 -1.26 6.83
C PRO A 138 -22.19 -0.23 5.72
N PRO A 139 -22.78 -0.53 4.56
CA PRO A 139 -22.75 0.45 3.46
C PRO A 139 -23.49 1.72 3.86
N ILE A 140 -22.90 2.87 3.53
CA ILE A 140 -23.50 4.17 3.80
C ILE A 140 -23.41 4.99 2.52
N VAL A 141 -24.50 5.65 2.16
CA VAL A 141 -24.55 6.43 0.93
C VAL A 141 -24.33 7.89 1.28
N LEU A 142 -23.24 8.46 0.77
CA LEU A 142 -22.83 9.82 1.09
C LEU A 142 -23.37 10.78 0.03
N ASN A 143 -24.18 11.74 0.47
CA ASN A 143 -24.81 12.75 -0.38
C ASN A 143 -25.39 12.19 -1.68
N GLU A 144 -26.06 11.03 -1.60
CA GLU A 144 -26.66 10.40 -2.78
C GLU A 144 -25.66 10.20 -3.91
N ALA A 145 -24.37 10.35 -3.62
CA ALA A 145 -23.32 10.36 -4.62
C ALA A 145 -22.40 9.16 -4.52
N VAL A 146 -21.91 8.84 -3.32
CA VAL A 146 -20.86 7.85 -3.15
C VAL A 146 -21.29 6.89 -2.05
N THR A 147 -21.02 5.62 -2.24
CA THR A 147 -21.37 4.59 -1.28
C THR A 147 -20.09 3.97 -0.75
N ILE A 148 -20.05 3.74 0.56
CA ILE A 148 -18.84 3.37 1.25
C ILE A 148 -19.16 2.23 2.22
N ALA A 149 -18.34 1.18 2.19
CA ALA A 149 -18.57 0.02 3.04
C ALA A 149 -17.22 -0.62 3.36
N GLU A 150 -17.16 -1.27 4.54
CA GLU A 150 -15.90 -1.81 5.06
C GLU A 150 -16.11 -3.20 5.65
N VAL A 151 -15.19 -4.11 5.31
CA VAL A 151 -15.10 -5.43 5.93
C VAL A 151 -13.70 -5.63 6.47
N LYS A 152 -13.55 -6.59 7.37
CA LYS A 152 -12.25 -6.88 7.96
C LYS A 152 -11.37 -7.62 6.96
N LEU A 153 -10.12 -7.18 6.82
CA LEU A 153 -9.17 -7.80 5.89
C LEU A 153 -8.17 -8.69 6.63
N TYR A 154 -7.44 -8.12 7.59
CA TYR A 154 -6.56 -8.88 8.48
C TYR A 154 -6.09 -7.93 9.57
N GLY A 155 -5.81 -8.49 10.74
CA GLY A 155 -5.50 -7.65 11.89
C GLY A 155 -6.58 -6.62 12.08
N ASP A 156 -6.18 -5.34 12.20
CA ASP A 156 -7.12 -4.25 12.31
C ASP A 156 -7.23 -3.44 11.03
N VAL A 157 -6.82 -4.04 9.91
CA VAL A 157 -6.92 -3.42 8.60
C VAL A 157 -8.23 -3.86 7.96
N VAL A 158 -8.99 -2.90 7.43
CA VAL A 158 -10.23 -3.17 6.72
C VAL A 158 -9.99 -3.03 5.21
N LEU A 159 -10.68 -3.88 4.44
CA LEU A 159 -10.82 -3.68 3.01
C LEU A 159 -12.03 -2.80 2.76
N ARG A 160 -11.83 -1.63 2.16
CA ARG A 160 -12.87 -0.63 2.03
C ARG A 160 -13.39 -0.60 0.60
N TYR A 161 -14.69 -0.83 0.42
CA TYR A 161 -15.33 -0.71 -0.89
C TYR A 161 -15.89 0.71 -1.08
N VAL A 162 -15.65 1.28 -2.26
CA VAL A 162 -16.22 2.58 -2.60
C VAL A 162 -16.77 2.49 -4.02
N SER A 163 -17.93 3.10 -4.25
CA SER A 163 -18.54 3.14 -5.57
C SER A 163 -19.20 4.50 -5.80
N TYR A 164 -19.23 4.91 -7.06
CA TYR A 164 -19.74 6.20 -7.50
C TYR A 164 -20.87 5.99 -8.50
N LYS A 165 -21.99 6.69 -8.32
CA LYS A 165 -23.02 6.67 -9.34
C LYS A 165 -22.49 7.25 -10.64
N ALA A 166 -21.87 8.43 -10.58
CA ALA A 166 -21.29 9.07 -11.74
C ALA A 166 -19.82 8.69 -11.91
N GLU A 173 -13.26 16.30 -5.00
CA GLU A 173 -14.08 15.28 -5.64
C GLU A 173 -13.79 13.92 -5.01
N PHE A 174 -12.85 13.88 -4.08
CA PHE A 174 -12.49 12.62 -3.44
C PHE A 174 -13.72 11.97 -2.84
N LEU A 175 -14.24 12.56 -1.77
CA LEU A 175 -15.48 12.16 -1.13
C LEU A 175 -16.31 13.41 -0.89
N PRO A 176 -17.62 13.26 -0.75
CA PRO A 176 -18.43 14.38 -0.25
C PRO A 176 -17.89 14.90 1.08
N GLY A 177 -17.99 16.22 1.26
CA GLY A 177 -17.52 16.85 2.48
C GLY A 177 -16.05 17.19 2.50
N PHE A 178 -15.27 16.66 1.56
CA PHE A 178 -13.90 17.10 1.38
C PHE A 178 -13.90 18.32 0.46
N GLU A 179 -13.02 19.25 0.73
CA GLU A 179 -12.78 20.38 -0.14
C GLU A 179 -11.44 20.22 -0.84
N ARG A 180 -11.37 20.71 -2.08
CA ARG A 180 -10.11 20.84 -2.78
C ARG A 180 -9.27 21.90 -2.05
N VAL A 181 -7.99 21.63 -1.88
CA VAL A 181 -7.19 22.59 -1.12
C VAL A 181 -6.83 23.75 -2.04
N GLU A 182 -6.79 24.95 -1.46
CA GLU A 182 -6.38 26.17 -2.15
C GLU A 182 -5.00 25.97 -2.77
N ASP A 183 -4.90 26.25 -4.06
CA ASP A 183 -3.67 25.93 -4.78
C ASP A 183 -2.48 26.70 -4.25
N ALA A 184 -2.70 27.85 -3.60
CA ALA A 184 -1.60 28.54 -2.94
C ALA A 184 -0.99 27.67 -1.85
N SER A 185 -1.80 26.82 -1.21
CA SER A 185 -1.28 25.80 -0.31
C SER A 185 -0.82 24.54 -1.04
N SER A 186 -1.24 24.35 -2.29
CA SER A 186 -1.03 23.10 -3.04
C SER A 186 0.14 23.29 -4.00
N PHE A 187 1.33 22.73 -3.64
CA PHE A 187 2.54 22.83 -4.44
C PHE A 187 2.70 21.61 -5.32
N PRO A 188 2.83 21.78 -6.65
CA PRO A 188 2.75 20.61 -7.55
C PRO A 188 3.99 19.73 -7.54
N LEU A 189 4.30 19.14 -6.38
CA LEU A 189 5.38 18.17 -6.28
C LEU A 189 5.06 16.94 -7.12
N ASP A 190 6.10 16.34 -7.69
CA ASP A 190 5.92 15.11 -8.48
C ASP A 190 7.28 14.47 -8.71
N TYR A 191 7.49 13.25 -8.21
CA TYR A 191 8.76 12.56 -8.48
C TYR A 191 8.56 11.34 -9.38
N GLY A 192 7.44 11.26 -10.10
CA GLY A 192 7.19 10.18 -11.02
C GLY A 192 6.37 9.01 -10.50
N ILE A 193 5.87 9.04 -9.25
CA ILE A 193 5.03 7.94 -8.76
C ILE A 193 3.63 8.11 -9.31
N ARG A 194 3.00 6.96 -9.73
CA ARG A 194 1.76 7.07 -10.49
C ARG A 194 0.59 6.25 -9.94
N ARG A 195 0.82 5.06 -9.40
CA ARG A 195 -0.32 4.31 -8.90
C ARG A 195 0.15 3.27 -7.86
N LEU A 196 -0.83 2.73 -7.12
CA LEU A 196 -0.53 1.64 -6.20
C LEU A 196 -0.51 0.32 -6.97
N ASP A 197 0.59 -0.42 -6.84
CA ASP A 197 0.71 -1.67 -7.57
C ASP A 197 0.22 -2.85 -6.75
N HIS A 198 0.66 -2.95 -5.50
CA HIS A 198 0.15 -3.97 -4.58
C HIS A 198 0.29 -3.51 -3.14
N ALA A 199 -0.57 -4.06 -2.27
CA ALA A 199 -0.55 -3.80 -0.84
C ALA A 199 -0.50 -5.12 -0.08
N VAL A 200 0.49 -5.26 0.79
CA VAL A 200 0.94 -6.56 1.30
C VAL A 200 0.68 -6.62 2.81
N GLY A 201 0.10 -7.73 3.27
CA GLY A 201 -0.15 -7.96 4.68
C GLY A 201 0.78 -9.02 5.27
N ASN A 202 1.16 -8.82 6.53
CA ASN A 202 1.81 -9.87 7.31
C ASN A 202 0.81 -10.49 8.27
N VAL A 203 0.77 -11.82 8.34
CA VAL A 203 -0.10 -12.53 9.29
C VAL A 203 0.71 -13.64 9.95
N PRO A 204 0.21 -14.17 11.08
CA PRO A 204 0.88 -15.32 11.71
C PRO A 204 0.69 -16.62 10.94
N GLU A 205 -0.41 -16.77 10.20
CA GLU A 205 -0.71 -18.01 9.48
C GLU A 205 -1.29 -17.69 8.11
N LEU A 206 -0.58 -18.13 7.07
CA LEU A 206 -0.94 -17.74 5.71
C LEU A 206 -2.20 -18.45 5.21
N GLY A 207 -2.33 -19.76 5.47
CA GLY A 207 -3.47 -20.54 5.05
C GLY A 207 -4.83 -19.96 5.38
N PRO A 208 -5.15 -19.83 6.68
CA PRO A 208 -6.48 -19.30 7.04
C PRO A 208 -6.69 -17.86 6.58
N ALA A 209 -5.64 -17.04 6.61
CA ALA A 209 -5.74 -15.70 6.05
C ALA A 209 -6.12 -15.76 4.58
N LEU A 210 -5.44 -16.61 3.82
CA LEU A 210 -5.73 -16.77 2.40
C LEU A 210 -7.19 -17.20 2.19
N THR A 211 -7.58 -18.34 2.77
CA THR A 211 -8.90 -18.85 2.44
C THR A 211 -10.02 -17.95 2.97
N TYR A 212 -9.77 -17.18 4.04
CA TYR A 212 -10.72 -16.14 4.42
C TYR A 212 -10.89 -15.08 3.32
N VAL A 213 -9.77 -14.51 2.85
CA VAL A 213 -9.86 -13.37 1.93
C VAL A 213 -10.33 -13.82 0.56
N ALA A 214 -9.68 -14.84 0.00
CA ALA A 214 -10.19 -15.40 -1.25
C ALA A 214 -11.64 -15.87 -1.09
N GLY A 215 -11.99 -16.28 0.13
CA GLY A 215 -13.34 -16.79 0.36
C GLY A 215 -14.42 -15.77 0.06
N PHE A 216 -14.27 -14.53 0.55
CA PHE A 216 -15.34 -13.55 0.39
C PHE A 216 -15.17 -12.66 -0.84
N THR A 217 -13.97 -12.57 -1.43
CA THR A 217 -13.78 -11.79 -2.64
C THR A 217 -13.92 -12.63 -3.91
N GLY A 218 -13.52 -13.90 -3.86
CA GLY A 218 -13.37 -14.64 -5.10
C GLY A 218 -12.07 -14.37 -5.82
N PHE A 219 -11.15 -13.62 -5.19
CA PHE A 219 -9.82 -13.42 -5.74
C PHE A 219 -9.12 -14.76 -5.88
N HIS A 220 -8.27 -14.86 -6.88
CA HIS A 220 -7.57 -16.08 -7.24
C HIS A 220 -6.08 -15.93 -6.96
N GLN A 221 -5.39 -17.05 -6.84
CA GLN A 221 -3.96 -17.03 -6.61
C GLN A 221 -3.21 -16.66 -7.90
N PHE A 222 -2.25 -15.75 -7.78
CA PHE A 222 -1.56 -15.17 -8.92
C PHE A 222 -0.33 -16.01 -9.26
N ALA A 223 0.11 -15.88 -10.52
CA ALA A 223 1.21 -16.61 -11.15
C ALA A 223 2.40 -16.92 -10.24
N GLU A 224 3.45 -16.09 -10.32
CA GLU A 224 4.69 -16.25 -9.57
C GLU A 224 5.58 -17.37 -10.10
N PHE A 225 6.66 -17.01 -10.80
CA PHE A 225 7.81 -17.90 -10.96
C PHE A 225 7.53 -19.15 -11.78
N GLU A 234 14.87 -19.89 0.98
CA GLU A 234 14.53 -20.44 2.30
C GLU A 234 14.81 -19.42 3.39
N SER A 235 14.35 -18.19 3.18
CA SER A 235 14.62 -17.08 4.10
C SER A 235 13.30 -16.48 4.57
N GLY A 236 12.86 -16.90 5.75
CA GLY A 236 11.92 -16.15 6.57
C GLY A 236 10.46 -16.06 6.18
N LEU A 237 10.15 -16.17 4.88
CA LEU A 237 8.81 -15.91 4.37
C LEU A 237 8.20 -17.14 3.75
N ASN A 238 6.87 -17.20 3.83
CA ASN A 238 6.03 -17.93 2.89
C ASN A 238 4.97 -16.93 2.46
N SER A 239 4.72 -16.84 1.16
CA SER A 239 3.81 -15.82 0.65
C SER A 239 2.93 -16.40 -0.43
N ALA A 240 1.91 -15.64 -0.78
CA ALA A 240 1.01 -15.95 -1.88
C ALA A 240 0.28 -14.65 -2.19
N VAL A 241 -0.21 -14.54 -3.42
CA VAL A 241 -0.76 -13.28 -3.92
C VAL A 241 -2.18 -13.51 -4.42
N LEU A 242 -3.12 -12.74 -3.88
CA LEU A 242 -4.50 -12.77 -4.35
C LEU A 242 -4.74 -11.63 -5.33
N ALA A 243 -5.52 -11.91 -6.38
CA ALA A 243 -5.68 -10.98 -7.48
C ALA A 243 -7.11 -11.00 -8.01
N SER A 244 -7.56 -9.85 -8.48
CA SER A 244 -8.89 -9.72 -9.06
C SER A 244 -8.89 -10.23 -10.51
N ASN A 245 -10.05 -10.13 -11.17
CA ASN A 245 -10.24 -10.68 -12.52
C ASN A 245 -9.15 -10.21 -13.49
N ASP A 246 -8.97 -8.90 -13.63
CA ASP A 246 -7.94 -8.36 -14.51
C ASP A 246 -6.57 -8.25 -13.81
N GLU A 247 -6.47 -8.76 -12.58
CA GLU A 247 -5.22 -8.81 -11.83
C GLU A 247 -4.58 -7.42 -11.68
N MET A 248 -5.42 -6.38 -11.53
CA MET A 248 -4.97 -5.04 -11.21
C MET A 248 -5.06 -4.71 -9.72
N VAL A 249 -5.88 -5.44 -8.96
CA VAL A 249 -5.84 -5.38 -7.51
C VAL A 249 -5.04 -6.59 -7.06
N LEU A 250 -3.89 -6.35 -6.44
CA LEU A 250 -2.95 -7.40 -6.05
C LEU A 250 -2.72 -7.29 -4.55
N LEU A 251 -2.97 -8.40 -3.85
CA LEU A 251 -2.97 -8.42 -2.39
C LEU A 251 -2.12 -9.59 -1.92
N PRO A 252 -0.79 -9.44 -1.91
CA PRO A 252 0.07 -10.46 -1.31
C PRO A 252 -0.18 -10.57 0.19
N ILE A 253 0.16 -11.74 0.74
CA ILE A 253 0.11 -11.98 2.18
C ILE A 253 1.31 -12.83 2.59
N ASN A 254 2.01 -12.42 3.65
CA ASN A 254 3.16 -13.12 4.20
C ASN A 254 2.85 -13.80 5.52
N GLU A 255 3.63 -14.82 5.83
CA GLU A 255 3.70 -15.46 7.14
C GLU A 255 5.17 -15.75 7.44
N PRO A 256 5.55 -15.82 8.72
CA PRO A 256 6.95 -16.07 9.05
C PRO A 256 7.33 -17.55 8.88
N VAL A 257 8.61 -17.77 8.64
CA VAL A 257 9.17 -19.12 8.64
C VAL A 257 10.02 -19.22 9.90
N HIS A 258 9.48 -19.90 10.90
CA HIS A 258 10.17 -20.03 12.17
C HIS A 258 11.29 -21.07 12.07
N GLY A 259 12.16 -21.06 13.07
CA GLY A 259 13.19 -22.06 13.17
C GLY A 259 14.46 -21.81 12.40
N THR A 260 14.54 -20.75 11.61
CA THR A 260 15.75 -20.45 10.86
C THR A 260 16.84 -19.97 11.82
N LYS A 261 17.94 -19.47 11.26
CA LYS A 261 19.02 -18.90 12.06
C LYS A 261 18.94 -17.38 12.17
N ARG A 262 18.58 -16.69 11.09
CA ARG A 262 18.26 -15.27 11.12
C ARG A 262 16.76 -15.11 11.31
N LYS A 263 16.36 -14.47 12.41
CA LYS A 263 14.96 -14.36 12.78
C LYS A 263 14.15 -13.76 11.64
N SER A 264 12.95 -14.30 11.43
CA SER A 264 12.10 -13.85 10.34
C SER A 264 11.70 -12.39 10.53
N GLN A 265 11.84 -11.61 9.47
CA GLN A 265 11.39 -10.21 9.52
C GLN A 265 9.88 -10.14 9.67
N ILE A 266 9.16 -11.10 9.07
CA ILE A 266 7.72 -11.20 9.31
C ILE A 266 7.43 -11.38 10.81
N GLN A 267 8.23 -12.21 11.49
CA GLN A 267 8.00 -12.42 12.91
C GLN A 267 8.37 -11.18 13.71
N THR A 268 9.42 -10.46 13.29
CA THR A 268 9.75 -9.19 13.93
C THR A 268 8.61 -8.20 13.73
N TYR A 269 8.01 -8.18 12.54
CA TYR A 269 6.86 -7.31 12.29
C TYR A 269 5.73 -7.59 13.27
N LEU A 270 5.28 -8.86 13.34
CA LEU A 270 4.14 -9.20 14.19
C LEU A 270 4.35 -8.78 15.65
N GLU A 271 5.59 -8.85 16.15
CA GLU A 271 5.88 -8.51 17.54
C GLU A 271 5.80 -6.99 17.78
N HIS A 272 6.46 -6.21 16.94
CA HIS A 272 6.46 -4.76 17.10
C HIS A 272 5.14 -4.12 16.70
N ASN A 273 4.41 -4.72 15.75
CA ASN A 273 3.11 -4.19 15.35
C ASN A 273 1.98 -4.60 16.27
N GLU A 274 2.23 -5.49 17.24
CA GLU A 274 1.19 -6.16 18.02
C GLU A 274 0.20 -6.89 17.10
N GLY A 275 0.72 -7.77 16.27
CA GLY A 275 -0.10 -8.65 15.46
C GLY A 275 -0.16 -8.23 13.99
N ALA A 276 -1.08 -8.88 13.28
CA ALA A 276 -1.17 -8.78 11.83
C ALA A 276 -1.45 -7.34 11.38
N GLY A 277 -1.00 -7.03 10.17
CA GLY A 277 -1.22 -5.71 9.61
C GLY A 277 -0.59 -5.56 8.25
N LEU A 278 -0.70 -4.35 7.70
CA LEU A 278 -0.13 -4.05 6.39
C LEU A 278 1.38 -3.89 6.52
N GLN A 279 2.13 -4.69 5.76
CA GLN A 279 3.59 -4.63 5.83
C GLN A 279 4.19 -3.61 4.86
N HIS A 280 3.79 -3.61 3.59
CA HIS A 280 4.33 -2.59 2.70
C HIS A 280 3.38 -2.26 1.55
N LEU A 281 3.50 -1.03 1.07
CA LEU A 281 2.81 -0.53 -0.11
C LEU A 281 3.81 -0.42 -1.24
N ALA A 282 3.47 -0.98 -2.40
CA ALA A 282 4.34 -0.89 -3.59
C ALA A 282 3.76 0.12 -4.55
N LEU A 283 4.51 1.20 -4.77
CA LEU A 283 4.07 2.30 -5.62
C LEU A 283 4.79 2.20 -6.97
N MET A 284 4.01 2.15 -8.05
CA MET A 284 4.59 2.14 -9.39
C MET A 284 5.04 3.54 -9.80
N SER A 285 6.28 3.64 -10.30
CA SER A 285 6.76 4.87 -10.92
C SER A 285 6.85 4.70 -12.44
N GLU A 286 6.57 5.79 -13.17
CA GLU A 286 6.81 5.82 -14.62
C GLU A 286 8.28 6.07 -14.96
N ASP A 287 9.15 6.18 -13.96
CA ASP A 287 10.56 6.44 -14.16
C ASP A 287 11.28 6.23 -12.84
N ILE A 288 11.59 4.96 -12.53
CA ILE A 288 12.11 4.65 -11.20
C ILE A 288 13.41 5.39 -10.93
N PHE A 289 14.16 5.72 -11.98
CA PHE A 289 15.42 6.42 -11.79
C PHE A 289 15.20 7.85 -11.30
N ARG A 290 14.27 8.59 -11.92
CA ARG A 290 14.00 9.94 -11.45
C ARG A 290 13.37 9.92 -10.06
N THR A 291 12.45 8.99 -9.82
CA THR A 291 11.87 8.83 -8.49
C THR A 291 12.94 8.62 -7.44
N LEU A 292 13.83 7.65 -7.66
CA LEU A 292 14.83 7.32 -6.66
C LEU A 292 15.84 8.46 -6.48
N ARG A 293 16.23 9.12 -7.58
CA ARG A 293 17.09 10.30 -7.43
C ARG A 293 16.43 11.35 -6.54
N GLU A 294 15.14 11.62 -6.80
CA GLU A 294 14.49 12.72 -6.10
C GLU A 294 14.23 12.37 -4.64
N MET A 295 13.87 11.11 -4.37
CA MET A 295 13.63 10.68 -2.99
C MET A 295 14.92 10.63 -2.20
N ARG A 296 16.02 10.25 -2.87
CA ARG A 296 17.30 10.18 -2.20
C ARG A 296 17.86 11.57 -1.95
N LYS A 297 17.55 12.53 -2.83
CA LYS A 297 17.91 13.92 -2.55
C LYS A 297 17.34 14.40 -1.22
N ARG A 298 16.21 13.85 -0.79
CA ARG A 298 15.50 14.39 0.35
C ARG A 298 15.52 13.48 1.56
N SER A 299 16.28 12.38 1.53
CA SER A 299 16.28 11.42 2.63
C SER A 299 16.63 12.07 3.96
N SER A 300 17.62 12.96 3.97
CA SER A 300 18.12 13.50 5.22
C SER A 300 17.61 14.89 5.51
N ILE A 301 16.68 15.40 4.70
CA ILE A 301 16.06 16.69 4.93
C ILE A 301 14.54 16.51 4.98
N GLY A 302 14.09 15.45 5.66
CA GLY A 302 12.69 15.24 5.94
C GLY A 302 12.08 14.06 5.21
N GLY A 303 12.74 13.54 4.18
CA GLY A 303 12.13 12.49 3.39
C GLY A 303 12.24 11.10 4.00
N PHE A 304 12.45 10.11 3.13
CA PHE A 304 12.53 8.71 3.50
C PHE A 304 13.92 8.17 3.22
N ASP A 305 14.34 7.25 4.06
CA ASP A 305 15.58 6.50 3.90
C ASP A 305 15.30 5.22 3.13
N PHE A 306 16.36 4.66 2.57
CA PHE A 306 16.27 3.46 1.74
C PHE A 306 17.12 2.35 2.36
N MET A 307 16.71 1.10 2.13
CA MET A 307 17.46 -0.08 2.53
C MET A 307 18.93 0.08 2.13
N PRO A 308 19.86 -0.59 2.81
CA PRO A 308 21.26 -0.53 2.38
C PRO A 308 21.43 -1.04 0.95
N SER A 309 22.36 -0.44 0.21
CA SER A 309 22.60 -0.86 -1.16
C SER A 309 23.17 -2.27 -1.20
N PRO A 310 22.82 -3.05 -2.21
CA PRO A 310 23.43 -4.38 -2.38
C PRO A 310 24.88 -4.24 -2.79
N PRO A 311 25.69 -5.28 -2.60
CA PRO A 311 27.10 -5.17 -2.93
C PRO A 311 27.32 -5.11 -4.44
N PRO A 312 28.38 -4.45 -4.90
CA PRO A 312 28.56 -4.29 -6.35
C PRO A 312 28.64 -5.61 -7.10
N THR A 313 28.96 -6.71 -6.43
CA THR A 313 28.90 -8.04 -7.03
C THR A 313 27.50 -8.36 -7.54
N TYR A 314 26.47 -7.93 -6.79
CA TYR A 314 25.10 -8.01 -7.31
C TYR A 314 25.03 -7.35 -8.68
N TYR A 315 25.57 -6.14 -8.80
CA TYR A 315 25.50 -5.43 -10.07
C TYR A 315 26.46 -6.02 -11.09
N GLN A 316 27.58 -6.57 -10.64
CA GLN A 316 28.47 -7.30 -11.54
C GLN A 316 27.84 -8.58 -12.06
N ASN A 317 26.68 -8.99 -11.56
CA ASN A 317 25.98 -10.18 -12.05
C ASN A 317 24.69 -9.88 -12.80
N LEU A 318 24.23 -8.62 -12.82
CA LEU A 318 22.98 -8.31 -13.52
C LEU A 318 23.15 -8.25 -15.02
N LYS A 319 24.36 -7.97 -15.52
CA LYS A 319 24.58 -8.01 -16.96
C LYS A 319 24.24 -9.38 -17.51
N LYS A 320 24.65 -10.45 -16.81
CA LYS A 320 24.38 -11.82 -17.21
C LYS A 320 22.91 -12.20 -17.07
N ARG A 321 22.04 -11.32 -16.57
CA ARG A 321 20.66 -11.73 -16.33
C ARG A 321 19.63 -10.82 -16.98
N VAL A 322 19.92 -9.52 -17.07
CA VAL A 322 18.96 -8.60 -17.68
C VAL A 322 19.66 -7.66 -18.65
N GLY A 323 20.91 -7.98 -19.02
CA GLY A 323 21.59 -7.21 -20.05
C GLY A 323 20.79 -7.13 -21.34
N ASP A 324 19.91 -8.12 -21.58
CA ASP A 324 18.93 -8.05 -22.65
C ASP A 324 18.02 -6.84 -22.54
N VAL A 325 17.65 -6.46 -21.30
CA VAL A 325 16.55 -5.52 -21.11
C VAL A 325 17.05 -4.12 -20.74
N LEU A 326 18.21 -4.05 -20.10
CA LEU A 326 18.75 -2.78 -19.65
C LEU A 326 20.15 -2.56 -20.22
N SER A 327 20.39 -1.34 -20.70
CA SER A 327 21.69 -1.02 -21.25
C SER A 327 22.76 -1.08 -20.17
N ASP A 328 24.01 -1.11 -20.61
CA ASP A 328 25.12 -1.07 -19.66
C ASP A 328 25.12 0.22 -18.85
N ASP A 329 24.49 1.29 -19.36
CA ASP A 329 24.40 2.50 -18.56
C ASP A 329 23.32 2.40 -17.50
N GLN A 330 22.11 1.99 -17.90
CA GLN A 330 21.02 1.88 -16.93
C GLN A 330 21.35 0.88 -15.84
N ILE A 331 22.07 -0.19 -16.16
CA ILE A 331 22.49 -1.14 -15.13
C ILE A 331 23.42 -0.44 -14.14
N LYS A 332 24.30 0.45 -14.63
CA LYS A 332 25.16 1.20 -13.71
C LYS A 332 24.36 2.27 -12.98
N GLU A 333 23.37 2.88 -13.64
CA GLU A 333 22.44 3.78 -12.97
C GLU A 333 21.71 3.05 -11.83
N CYS A 334 21.31 1.80 -12.06
CA CYS A 334 20.75 0.97 -10.98
C CYS A 334 21.72 0.88 -9.80
N GLU A 335 23.01 0.72 -10.09
CA GLU A 335 23.98 0.54 -9.01
C GLU A 335 24.12 1.80 -8.18
N GLU A 336 24.02 2.97 -8.82
CA GLU A 336 24.05 4.21 -8.07
C GLU A 336 22.93 4.25 -7.05
N LEU A 337 21.69 4.11 -7.52
CA LEU A 337 20.51 4.29 -6.70
C LEU A 337 20.18 3.09 -5.83
N GLY A 338 20.89 1.98 -5.98
CA GLY A 338 20.59 0.80 -5.19
C GLY A 338 19.38 0.02 -5.64
N ILE A 339 19.02 0.10 -6.92
CA ILE A 339 17.83 -0.57 -7.42
C ILE A 339 18.09 -2.07 -7.52
N LEU A 340 17.07 -2.87 -7.18
CA LEU A 340 17.08 -4.31 -7.37
C LEU A 340 16.32 -4.64 -8.65
N VAL A 341 16.73 -5.71 -9.33
CA VAL A 341 16.09 -6.12 -10.58
C VAL A 341 15.83 -7.62 -10.55
N ASP A 342 14.62 -8.02 -10.97
CA ASP A 342 14.23 -9.41 -11.11
C ASP A 342 13.49 -9.59 -12.43
N ARG A 343 13.19 -10.85 -12.76
CA ARG A 343 12.63 -11.15 -14.07
C ARG A 343 11.78 -12.41 -14.01
N ASP A 344 10.51 -12.28 -14.39
CA ASP A 344 9.59 -13.40 -14.56
C ASP A 344 9.92 -14.16 -15.83
N ASP A 345 8.94 -14.90 -16.35
CA ASP A 345 9.04 -15.45 -17.69
C ASP A 345 8.45 -14.52 -18.75
N GLN A 346 7.76 -13.46 -18.33
CA GLN A 346 7.21 -12.47 -19.25
C GLN A 346 7.93 -11.12 -19.13
N GLY A 347 7.96 -10.52 -17.95
CA GLY A 347 8.48 -9.18 -17.77
C GLY A 347 9.69 -9.09 -16.86
N THR A 348 10.16 -7.86 -16.69
CA THR A 348 11.27 -7.53 -15.81
C THR A 348 10.77 -6.57 -14.72
N LEU A 349 11.34 -6.69 -13.52
CA LEU A 349 10.89 -5.88 -12.40
C LEU A 349 12.05 -5.09 -11.80
N LEU A 350 11.87 -3.78 -11.69
CA LEU A 350 12.78 -2.93 -10.92
C LEU A 350 12.11 -2.58 -9.59
N GLN A 351 12.87 -2.71 -8.49
CA GLN A 351 12.28 -2.53 -7.17
C GLN A 351 13.34 -2.08 -6.17
N ILE A 352 12.90 -1.27 -5.20
CA ILE A 352 13.72 -0.87 -4.07
C ILE A 352 12.80 -0.61 -2.88
N PHE A 353 13.34 -0.76 -1.66
CA PHE A 353 12.58 -0.70 -0.43
C PHE A 353 13.06 0.45 0.45
N THR A 354 12.12 1.19 1.02
CA THR A 354 12.49 2.18 2.01
C THR A 354 12.77 1.52 3.35
N LYS A 355 13.40 2.29 4.24
CA LYS A 355 13.39 1.98 5.66
C LYS A 355 11.97 2.20 6.20
N PRO A 356 11.67 1.71 7.42
CA PRO A 356 10.32 1.89 7.97
C PRO A 356 9.87 3.35 7.97
N LEU A 357 8.57 3.54 7.74
CA LEU A 357 8.02 4.88 7.59
C LEU A 357 7.93 5.64 8.91
N GLY A 358 7.92 4.93 10.03
CA GLY A 358 7.74 5.56 11.33
C GLY A 358 8.64 4.94 12.36
N ASP A 359 8.33 5.16 13.66
CA ASP A 359 9.16 4.65 14.75
C ASP A 359 9.37 3.15 14.69
N ARG A 360 8.34 2.39 14.35
CA ARG A 360 8.51 0.95 14.51
C ARG A 360 9.03 0.28 13.24
N PRO A 361 9.75 -0.84 13.38
CA PRO A 361 10.17 -1.62 12.21
C PRO A 361 9.01 -2.43 11.63
N THR A 362 7.97 -1.72 11.17
CA THR A 362 6.75 -2.35 10.72
C THR A 362 6.53 -1.98 9.26
N ILE A 363 5.69 -0.96 8.98
CA ILE A 363 5.34 -0.65 7.61
C ILE A 363 6.51 0.02 6.90
N PHE A 364 6.68 -0.29 5.61
CA PHE A 364 7.64 0.40 4.74
C PHE A 364 7.05 0.54 3.34
N ILE A 365 7.78 1.21 2.44
CA ILE A 365 7.30 1.45 1.09
C ILE A 365 8.25 0.79 0.09
N GLU A 366 7.71 0.39 -1.04
CA GLU A 366 8.47 -0.16 -2.16
C GLU A 366 8.17 0.65 -3.39
N ILE A 367 9.21 1.08 -4.09
CA ILE A 367 9.07 1.75 -5.37
C ILE A 367 9.42 0.74 -6.45
N ILE A 368 8.57 0.66 -7.48
CA ILE A 368 8.78 -0.32 -8.53
C ILE A 368 8.52 0.30 -9.89
N GLN A 369 9.06 -0.35 -10.90
CA GLN A 369 8.68 -0.12 -12.28
C GLN A 369 8.73 -1.44 -13.03
N ARG A 370 7.73 -1.67 -13.88
CA ARG A 370 7.58 -2.92 -14.60
C ARG A 370 7.81 -2.70 -16.09
N VAL A 371 8.55 -3.61 -16.72
CA VAL A 371 8.83 -3.51 -18.15
C VAL A 371 8.49 -4.86 -18.80
N GLY A 372 7.54 -4.83 -19.73
CA GLY A 372 7.04 -6.00 -20.41
C GLY A 372 5.52 -6.06 -20.42
N CYS A 373 5.01 -7.18 -20.94
CA CYS A 373 3.59 -7.52 -20.86
C CYS A 373 2.68 -6.49 -21.52
N MET A 374 3.07 -6.04 -22.71
CA MET A 374 2.23 -5.14 -23.48
C MET A 374 1.19 -5.94 -24.26
N MET A 375 -0.06 -5.49 -24.18
CA MET A 375 -1.13 -6.06 -24.99
C MET A 375 -1.76 -4.93 -25.78
N TYR A 383 -1.66 -1.45 -23.19
CA TYR A 383 -1.64 -1.51 -21.73
C TYR A 383 -0.67 -2.58 -21.23
N GLN A 384 -0.27 -2.45 -19.96
CA GLN A 384 0.55 -3.43 -19.28
C GLN A 384 -0.32 -4.32 -18.41
N SER A 385 -0.09 -5.63 -18.44
CA SER A 385 -0.87 -6.54 -17.62
C SER A 385 -0.30 -6.58 -16.20
N GLY A 386 -1.17 -6.91 -15.25
CA GLY A 386 -0.81 -6.79 -13.86
C GLY A 386 0.24 -7.78 -13.41
N GLY A 387 1.06 -7.34 -12.46
CA GLY A 387 2.05 -8.24 -11.88
C GLY A 387 3.18 -8.58 -12.82
N CYS A 388 3.32 -7.85 -13.91
CA CYS A 388 4.36 -8.12 -14.91
C CYS A 388 5.74 -8.14 -14.30
N GLY A 389 6.40 -9.29 -14.30
CA GLY A 389 7.69 -9.47 -13.69
C GLY A 389 7.63 -10.07 -12.31
N GLY A 390 6.46 -10.05 -11.69
CA GLY A 390 6.27 -10.66 -10.38
C GLY A 390 6.48 -9.68 -9.25
N PHE A 391 7.06 -10.15 -8.15
CA PHE A 391 7.22 -9.34 -6.95
C PHE A 391 8.63 -9.35 -6.40
N GLY A 392 9.56 -10.02 -7.07
CA GLY A 392 10.94 -10.02 -6.69
C GLY A 392 11.44 -11.34 -6.17
N LYS A 393 10.71 -12.43 -6.44
CA LYS A 393 11.02 -13.72 -5.82
C LYS A 393 12.48 -14.11 -6.01
N GLY A 394 13.02 -13.90 -7.21
CA GLY A 394 14.38 -14.34 -7.50
C GLY A 394 15.45 -13.58 -6.77
N ASN A 395 15.14 -12.39 -6.27
CA ASN A 395 16.14 -11.53 -5.64
C ASN A 395 16.51 -11.97 -4.23
N PHE A 396 15.77 -12.92 -3.63
CA PHE A 396 16.18 -13.48 -2.35
C PHE A 396 17.42 -14.34 -2.51
N SER A 397 17.34 -15.37 -3.37
CA SER A 397 18.48 -16.25 -3.58
C SER A 397 19.63 -15.52 -4.26
N GLU A 398 19.32 -14.48 -5.04
CA GLU A 398 20.34 -13.75 -5.76
C GLU A 398 21.15 -12.82 -4.85
N LEU A 399 20.58 -12.39 -3.72
CA LEU A 399 21.32 -11.60 -2.75
C LEU A 399 22.16 -12.46 -1.82
N PHE A 400 21.68 -13.64 -1.43
CA PHE A 400 22.53 -14.59 -0.73
C PHE A 400 23.78 -14.90 -1.54
N LYS A 401 23.60 -15.35 -2.78
CA LYS A 401 24.69 -15.70 -3.68
C LYS A 401 25.23 -14.45 -4.37
N SER A 402 25.53 -13.44 -3.57
CA SER A 402 26.08 -12.17 -4.01
C SER A 402 26.72 -11.54 -2.78
N ILE A 403 26.17 -11.86 -1.62
CA ILE A 403 26.78 -11.57 -0.33
C ILE A 403 27.86 -12.63 -0.11
N GLU A 404 28.12 -13.44 -1.15
CA GLU A 404 29.33 -14.26 -1.21
C GLU A 404 30.57 -13.45 -1.56
N GLU A 405 30.43 -12.15 -1.81
CA GLU A 405 31.51 -11.24 -2.20
C GLU A 405 32.52 -10.98 -1.10
N TYR A 406 32.38 -11.62 0.08
CA TYR A 406 33.28 -11.32 1.18
C TYR A 406 34.74 -11.63 0.85
N GLU A 407 34.98 -12.55 -0.09
CA GLU A 407 36.33 -12.85 -0.55
C GLU A 407 36.56 -12.45 -2.01
N LYS A 408 35.66 -11.64 -2.57
CA LYS A 408 35.79 -11.19 -3.96
C LYS A 408 35.89 -9.67 -4.05
CO CO B . 6.49 -5.95 -3.00
C10 NN0 C . 10.82 -8.66 -1.61
C13 NN0 C . 11.09 -8.12 1.11
C20 NN0 C . 15.99 -9.01 0.62
C24 NN0 C . 17.50 -9.14 2.66
C26 NN0 C . 16.59 -7.80 0.83
C1 NN0 C . 6.05 -9.16 -2.07
C2 NN0 C . 5.07 -10.15 -2.02
C3 NN0 C . 5.33 -11.36 -1.40
C4 NN0 C . 6.56 -11.59 -0.81
C5 NN0 C . 7.55 -10.60 -0.85
C6 NN0 C . 7.30 -9.37 -1.48
C8 NN0 C . 8.36 -8.24 -1.54
C9 NN0 C . 9.72 -8.32 -0.85
C11 NN0 C . 12.10 -8.72 -0.98
C12 NN0 C . 12.25 -8.47 0.35
C14 NN0 C . 9.83 -8.05 0.52
C16 NN0 C . 14.39 -9.13 -1.16
C18 NN0 C . 13.53 -8.55 0.92
C19 NN0 C . 13.05 -9.33 -3.15
C23 NN0 C . 16.21 -9.82 2.02
C25 NN0 C . 17.95 -8.22 1.71
N15 NN0 C . 13.19 -9.06 -1.72
N17 NN0 C . 14.59 -8.88 0.15
O7 NN0 C . 5.74 -7.95 -2.69
O21 NN0 C . 13.65 -8.32 2.08
O27 NN0 C . 8.14 -7.23 -2.13
O28 NN0 C . 8.59 -10.84 -0.34
O29 NN0 C . 15.32 -9.43 -1.83
CL1 NN0 C . 8.40 -7.62 1.48
#